data_7KAE
#
_entry.id   7KAE
#
_cell.length_a   36.881
_cell.length_b   40.016
_cell.length_c   72.271
_cell.angle_alpha   90.000
_cell.angle_beta   90.000
_cell.angle_gamma   90.000
#
_symmetry.space_group_name_H-M   'P 21 21 21'
#
loop_
_entity.id
_entity.type
_entity.pdbx_description
1 polymer 'Regulatory protein rop'
2 water water
#
_entity_poly.entity_id   1
_entity_poly.type   'polypeptide(L)'
_entity_poly.pdbx_seq_one_letter_code
;MGHHHHHHGTKQEKTALNMARFIQNQTQTLLEKLNELDADEQADIAESLHDHADELYRSALARWG
;
_entity_poly.pdbx_strand_id   A,B
#
# COMPACT_ATOMS: atom_id res chain seq x y z
N GLY A 9 10.62 15.55 -12.85
CA GLY A 9 9.20 15.65 -12.26
C GLY A 9 8.95 17.05 -11.65
N THR A 10 7.68 17.47 -11.64
CA THR A 10 7.23 18.63 -10.89
C THR A 10 7.24 18.33 -9.39
N LYS A 11 7.00 19.36 -8.57
CA LYS A 11 6.96 19.13 -7.13
C LYS A 11 5.88 18.11 -6.79
N GLN A 12 4.72 18.21 -7.46
CA GLN A 12 3.58 17.33 -7.25
C GLN A 12 3.95 15.88 -7.61
N GLU A 13 4.68 15.70 -8.74
CA GLU A 13 5.15 14.37 -9.14
C GLU A 13 6.08 13.83 -8.06
N LYS A 14 6.98 14.66 -7.54
CA LYS A 14 7.91 14.19 -6.51
C LYS A 14 7.14 13.79 -5.24
N THR A 15 6.08 14.52 -4.89
CA THR A 15 5.30 14.16 -3.71
C THR A 15 4.70 12.77 -3.90
N ALA A 16 4.24 12.49 -5.12
CA ALA A 16 3.66 11.19 -5.38
C ALA A 16 4.72 10.09 -5.32
N LEU A 17 5.91 10.33 -5.89
CA LEU A 17 7.04 9.39 -5.79
C LEU A 17 7.35 9.09 -4.31
N ASN A 18 7.41 10.15 -3.49
CA ASN A 18 7.76 9.96 -2.08
C ASN A 18 6.69 9.10 -1.40
N MET A 19 5.42 9.34 -1.76
CA MET A 19 4.35 8.56 -1.15
C MET A 19 4.42 7.11 -1.63
N ALA A 20 4.71 6.88 -2.92
CA ALA A 20 4.94 5.50 -3.34
C ALA A 20 6.09 4.84 -2.61
N ARG A 21 7.18 5.56 -2.36
CA ARG A 21 8.29 4.96 -1.59
C ARG A 21 7.80 4.61 -0.20
N PHE A 22 7.08 5.54 0.43
CA PHE A 22 6.56 5.28 1.77
C PHE A 22 5.65 4.03 1.83
N ILE A 23 4.77 3.87 0.87
CA ILE A 23 3.86 2.72 0.88
C ILE A 23 4.68 1.45 0.65
N GLN A 24 5.75 1.50 -0.20
CA GLN A 24 6.57 0.32 -0.42
C GLN A 24 7.16 -0.11 0.92
N ASN A 25 7.66 0.87 1.69
CA ASN A 25 8.33 0.48 2.93
C ASN A 25 7.29 0.03 3.95
N GLN A 26 6.18 0.77 4.02
CA GLN A 26 5.18 0.47 5.03
C GLN A 26 4.52 -0.89 4.80
N THR A 27 4.30 -1.27 3.53
CA THR A 27 3.71 -2.58 3.24
C THR A 27 4.70 -3.69 3.60
N GLN A 28 6.01 -3.48 3.41
CA GLN A 28 6.98 -4.50 3.84
C GLN A 28 6.87 -4.67 5.37
N THR A 29 6.71 -3.55 6.09
CA THR A 29 6.71 -3.60 7.55
C THR A 29 5.44 -4.33 8.00
N LEU A 30 4.30 -4.06 7.35
CA LEU A 30 3.09 -4.75 7.75
C LEU A 30 3.15 -6.23 7.41
N LEU A 31 3.73 -6.60 6.25
CA LEU A 31 3.92 -8.01 5.93
C LEU A 31 4.71 -8.71 7.05
N GLU A 32 5.83 -8.10 7.50
CA GLU A 32 6.68 -8.73 8.53
C GLU A 32 5.84 -8.91 9.79
N LYS A 33 5.11 -7.86 10.19
CA LYS A 33 4.23 -7.91 11.35
C LYS A 33 3.23 -9.05 11.22
N LEU A 34 2.60 -9.21 10.05
CA LEU A 34 1.62 -10.27 9.93
C LEU A 34 2.31 -11.63 9.98
N ASN A 35 3.48 -11.75 9.37
CA ASN A 35 4.23 -13.01 9.45
C ASN A 35 4.57 -13.38 10.90
N GLU A 36 4.82 -12.37 11.75
CA GLU A 36 5.11 -12.63 13.16
C GLU A 36 3.84 -13.07 13.87
N LEU A 37 2.66 -12.60 13.41
CA LEU A 37 1.35 -13.00 13.94
C LEU A 37 0.89 -14.36 13.30
N ASP A 38 1.70 -14.88 12.35
CA ASP A 38 1.31 -16.16 11.71
C ASP A 38 -0.11 -16.12 11.21
N ALA A 39 -0.42 -14.89 10.80
CA ALA A 39 -1.73 -14.54 10.28
C ALA A 39 -1.74 -14.82 8.77
N ASP A 40 -1.75 -16.11 8.37
CA ASP A 40 -1.56 -16.50 6.98
C ASP A 40 -2.57 -15.85 6.06
N GLU A 41 -3.85 -15.79 6.49
CA GLU A 41 -4.89 -15.22 5.64
C GLU A 41 -4.52 -13.80 5.24
N GLN A 42 -4.17 -13.01 6.25
CA GLN A 42 -3.77 -11.62 6.01
C GLN A 42 -2.40 -11.52 5.28
N ALA A 43 -1.41 -12.35 5.68
CA ALA A 43 -0.07 -12.20 5.10
C ALA A 43 -0.11 -12.53 3.62
N ASP A 44 -1.03 -13.43 3.23
CA ASP A 44 -1.14 -13.78 1.81
C ASP A 44 -1.51 -12.52 1.00
N ILE A 45 -2.51 -11.74 1.48
CA ILE A 45 -2.93 -10.52 0.78
C ILE A 45 -1.82 -9.49 0.91
N ALA A 46 -1.20 -9.45 2.11
CA ALA A 46 -0.19 -8.40 2.31
C ALA A 46 1.00 -8.61 1.38
N GLU A 47 1.37 -9.86 1.07
CA GLU A 47 2.49 -10.10 0.19
C GLU A 47 2.13 -9.52 -1.18
N SER A 48 0.92 -9.83 -1.67
CA SER A 48 0.51 -9.30 -2.98
C SER A 48 0.41 -7.76 -2.99
N LEU A 49 -0.04 -7.19 -1.85
CA LEU A 49 -0.14 -5.76 -1.65
C LEU A 49 1.25 -5.17 -1.81
N HIS A 50 2.23 -5.73 -1.10
CA HIS A 50 3.56 -5.15 -1.15
C HIS A 50 4.16 -5.30 -2.56
N ASP A 51 3.81 -6.38 -3.28
CA ASP A 51 4.38 -6.55 -4.61
C ASP A 51 3.86 -5.39 -5.49
N HIS A 52 2.55 -5.08 -5.38
CA HIS A 52 1.99 -3.98 -6.18
C HIS A 52 2.62 -2.66 -5.76
N ALA A 53 2.85 -2.45 -4.46
CA ALA A 53 3.51 -1.24 -3.99
C ALA A 53 4.92 -1.14 -4.56
N ASP A 54 5.67 -2.25 -4.56
CA ASP A 54 7.01 -2.23 -5.14
C ASP A 54 6.92 -1.87 -6.63
N GLU A 55 5.97 -2.48 -7.35
CA GLU A 55 5.85 -2.25 -8.77
C GLU A 55 5.57 -0.77 -9.03
N LEU A 56 4.67 -0.20 -8.21
CA LEU A 56 4.31 1.20 -8.42
C LEU A 56 5.49 2.12 -8.11
N TYR A 57 6.19 1.84 -7.01
CA TYR A 57 7.34 2.65 -6.66
C TYR A 57 8.38 2.61 -7.77
N ARG A 58 8.71 1.41 -8.27
CA ARG A 58 9.76 1.35 -9.28
C ARG A 58 9.32 2.11 -10.53
N SER A 59 8.04 1.98 -10.88
CA SER A 59 7.47 2.65 -12.05
C SER A 59 7.57 4.16 -11.87
N ALA A 60 7.17 4.68 -10.70
CA ALA A 60 7.26 6.11 -10.40
C ALA A 60 8.72 6.57 -10.40
N LEU A 61 9.62 5.78 -9.80
CA LEU A 61 11.03 6.10 -9.69
C LEU A 61 11.69 6.26 -11.06
N ALA A 62 11.36 5.33 -11.98
CA ALA A 62 11.86 5.42 -13.35
C ALA A 62 11.38 6.70 -14.02
N ARG A 63 10.15 7.11 -13.71
CA ARG A 63 9.52 8.20 -14.45
C ARG A 63 9.94 9.57 -13.91
N TRP A 64 9.99 9.74 -12.59
CA TRP A 64 10.13 11.06 -11.98
C TRP A 64 11.37 11.14 -11.10
N GLY A 65 12.13 10.04 -10.98
CA GLY A 65 13.14 9.95 -9.96
C GLY A 65 14.51 10.30 -10.50
N THR B 10 -5.46 -8.72 20.89
CA THR B 10 -4.07 -8.47 21.42
C THR B 10 -3.51 -7.16 20.87
N LYS B 11 -2.57 -6.57 21.64
CA LYS B 11 -1.88 -5.36 21.20
C LYS B 11 -1.28 -5.54 19.81
N GLN B 12 -0.60 -6.66 19.55
CA GLN B 12 0.05 -6.94 18.28
C GLN B 12 -1.00 -6.97 17.18
N GLU B 13 -2.19 -7.56 17.47
CA GLU B 13 -3.19 -7.71 16.42
C GLU B 13 -3.77 -6.34 16.06
N LYS B 14 -4.06 -5.55 17.09
CA LYS B 14 -4.55 -4.19 16.85
C LYS B 14 -3.55 -3.30 16.14
N THR B 15 -2.25 -3.46 16.43
CA THR B 15 -1.22 -2.71 15.72
C THR B 15 -1.31 -3.02 14.21
N ALA B 16 -1.44 -4.31 13.86
CA ALA B 16 -1.52 -4.70 12.46
C ALA B 16 -2.81 -4.16 11.84
N LEU B 17 -3.98 -4.30 12.51
CA LEU B 17 -5.22 -3.78 11.95
C LEU B 17 -5.08 -2.29 11.66
N ASN B 18 -4.56 -1.52 12.64
CA ASN B 18 -4.45 -0.07 12.42
C ASN B 18 -3.48 0.22 11.29
N MET B 19 -2.39 -0.53 11.20
CA MET B 19 -1.47 -0.29 10.10
C MET B 19 -2.14 -0.60 8.76
N ALA B 20 -3.00 -1.64 8.71
CA ALA B 20 -3.73 -1.89 7.48
C ALA B 20 -4.62 -0.70 7.13
N ARG B 21 -5.28 -0.13 8.14
CA ARG B 21 -6.12 0.99 7.83
C ARG B 21 -5.30 2.16 7.31
N PHE B 22 -4.14 2.40 7.92
CA PHE B 22 -3.33 3.55 7.49
C PHE B 22 -2.85 3.37 6.05
N ILE B 23 -2.47 2.12 5.67
CA ILE B 23 -2.06 1.78 4.32
C ILE B 23 -3.23 2.02 3.36
N GLN B 24 -4.45 1.62 3.75
CA GLN B 24 -5.64 1.85 2.93
C GLN B 24 -5.76 3.36 2.62
N ASN B 25 -5.59 4.21 3.67
CA ASN B 25 -5.71 5.65 3.45
C ASN B 25 -4.61 6.18 2.50
N GLN B 26 -3.40 5.65 2.65
CA GLN B 26 -2.27 6.08 1.80
C GLN B 26 -2.50 5.67 0.35
N THR B 27 -3.01 4.46 0.15
CA THR B 27 -3.17 3.96 -1.22
C THR B 27 -4.31 4.73 -1.87
N GLN B 28 -5.39 5.09 -1.13
CA GLN B 28 -6.45 5.90 -1.73
C GLN B 28 -5.91 7.26 -2.11
N THR B 29 -5.07 7.82 -1.22
CA THR B 29 -4.55 9.15 -1.41
C THR B 29 -3.64 9.14 -2.65
N LEU B 30 -2.76 8.16 -2.79
CA LEU B 30 -1.81 8.11 -3.90
C LEU B 30 -2.57 7.83 -5.18
N LEU B 31 -3.61 6.98 -5.16
CA LEU B 31 -4.37 6.76 -6.42
C LEU B 31 -4.95 8.09 -6.85
N GLU B 32 -5.51 8.88 -5.92
CA GLU B 32 -6.10 10.17 -6.31
C GLU B 32 -5.06 11.14 -6.87
N LYS B 33 -3.88 11.18 -6.28
CA LYS B 33 -2.82 12.05 -6.75
C LYS B 33 -2.45 11.66 -8.18
N LEU B 34 -2.32 10.35 -8.44
CA LEU B 34 -1.86 9.92 -9.75
C LEU B 34 -2.92 10.21 -10.82
N ASN B 35 -4.18 10.11 -10.42
CA ASN B 35 -5.27 10.43 -11.35
C ASN B 35 -5.24 11.91 -11.70
N GLU B 36 -4.78 12.74 -10.77
CA GLU B 36 -4.73 14.19 -10.96
C GLU B 36 -3.55 14.55 -11.87
N LEU B 37 -2.51 13.72 -11.87
CA LEU B 37 -1.31 13.91 -12.68
C LEU B 37 -1.49 13.26 -14.06
N ASP B 38 -0.49 13.41 -14.97
CA ASP B 38 -0.60 12.68 -16.24
C ASP B 38 0.07 11.33 -16.04
N ALA B 39 -0.64 10.40 -15.34
CA ALA B 39 0.18 9.23 -14.94
C ALA B 39 -0.68 7.98 -15.17
N ASP B 40 -1.15 7.74 -16.40
CA ASP B 40 -2.01 6.59 -16.63
C ASP B 40 -1.35 5.27 -16.18
N GLU B 41 -0.06 5.08 -16.52
CA GLU B 41 0.60 3.82 -16.29
C GLU B 41 0.67 3.57 -14.77
N GLN B 42 0.92 4.65 -14.04
CA GLN B 42 1.14 4.54 -12.60
C GLN B 42 -0.21 4.36 -11.90
N ALA B 43 -1.24 5.10 -12.36
CA ALA B 43 -2.58 5.01 -11.79
C ALA B 43 -3.18 3.62 -11.98
N ASP B 44 -2.90 2.98 -13.12
CA ASP B 44 -3.37 1.62 -13.34
C ASP B 44 -2.83 0.66 -12.28
N ILE B 45 -1.54 0.80 -11.93
CA ILE B 45 -0.93 -0.02 -10.91
C ILE B 45 -1.61 0.33 -9.57
N ALA B 46 -1.75 1.63 -9.32
CA ALA B 46 -2.30 2.07 -8.04
C ALA B 46 -3.75 1.58 -7.84
N GLU B 47 -4.55 1.41 -8.93
CA GLU B 47 -5.89 0.84 -8.78
C GLU B 47 -5.81 -0.54 -8.15
N SER B 48 -4.91 -1.37 -8.66
CA SER B 48 -4.78 -2.73 -8.10
C SER B 48 -4.22 -2.69 -6.69
N LEU B 49 -3.24 -1.82 -6.47
CA LEU B 49 -2.68 -1.60 -5.15
C LEU B 49 -3.77 -1.26 -4.12
N HIS B 50 -4.63 -0.31 -4.49
CA HIS B 50 -5.70 0.07 -3.59
C HIS B 50 -6.70 -1.09 -3.38
N ASP B 51 -7.05 -1.85 -4.45
CA ASP B 51 -7.99 -2.96 -4.22
C ASP B 51 -7.39 -3.93 -3.17
N HIS B 52 -6.05 -4.16 -3.21
CA HIS B 52 -5.38 -5.07 -2.25
C HIS B 52 -5.43 -4.44 -0.87
N ALA B 53 -5.16 -3.12 -0.73
CA ALA B 53 -5.21 -2.53 0.59
C ALA B 53 -6.63 -2.60 1.16
N ASP B 54 -7.69 -2.37 0.35
CA ASP B 54 -9.08 -2.48 0.84
C ASP B 54 -9.35 -3.90 1.31
N GLU B 55 -8.85 -4.90 0.58
CA GLU B 55 -9.14 -6.30 0.93
C GLU B 55 -8.36 -6.69 2.20
N LEU B 56 -7.13 -6.21 2.34
CA LEU B 56 -6.38 -6.54 3.55
C LEU B 56 -7.05 -5.91 4.78
N TYR B 57 -7.48 -4.65 4.66
CA TYR B 57 -8.17 -4.05 5.79
C TYR B 57 -9.47 -4.81 6.08
N ARG B 58 -10.28 -5.10 5.05
CA ARG B 58 -11.51 -5.86 5.26
C ARG B 58 -11.23 -7.15 6.04
N SER B 59 -10.24 -7.88 5.57
CA SER B 59 -9.94 -9.18 6.16
C SER B 59 -9.48 -9.03 7.62
N ALA B 60 -8.59 -8.05 7.84
CA ALA B 60 -8.09 -7.83 9.18
C ALA B 60 -9.20 -7.33 10.10
N LEU B 61 -10.10 -6.49 9.60
CA LEU B 61 -11.23 -6.01 10.42
C LEU B 61 -12.16 -7.15 10.82
N ALA B 62 -12.42 -8.09 9.90
CA ALA B 62 -13.30 -9.24 10.18
C ALA B 62 -12.70 -10.06 11.32
N ARG B 63 -11.35 -10.15 11.33
CA ARG B 63 -10.64 -11.05 12.22
C ARG B 63 -10.41 -10.39 13.57
N TRP B 64 -10.04 -9.10 13.56
CA TRP B 64 -9.57 -8.40 14.76
C TRP B 64 -10.39 -7.17 15.18
N GLY B 65 -11.40 -6.74 14.42
CA GLY B 65 -12.14 -5.50 14.66
C GLY B 65 -12.96 -5.52 15.94
#